data_5KMZ
#
_entry.id   5KMZ
#
_entity_poly.entity_id   1
_entity_poly.type   'polyribonucleotide'
_entity_poly.pdbx_seq_one_letter_code
;AACCUUCACCAAUUAGGUUCAAAUAAGUGGU
;
_entity_poly.pdbx_strand_id   A
#